data_2VGY
#
_entry.id   2VGY
#
_cell.length_a   90.638
_cell.length_b   90.638
_cell.length_c   54.205
_cell.angle_alpha   90.00
_cell.angle_beta   90.00
_cell.angle_gamma   120.00
#
_symmetry.space_group_name_H-M   'P 32 2 1'
#
loop_
_entity.id
_entity.type
_entity.pdbx_description
1 polymer 'CHAPERONE SYCD'
2 water water
#
_entity_poly.entity_id   1
_entity_poly.type   'polypeptide(L)'
_entity_poly.pdbx_seq_one_letter_code
;GPLGSGGGTIAMLNEISSDTLEQLYSLAFNQYQSG(MLY)YEDAH(MLY)VFQALCVLDHYDSRFFLGLGACRQAMGQYD
LAIHSYEEGAVMDI(MLY)EPRFPFHAAECLLQ(MLY)GELAEAESGLFLAQELIAN(MLY)PEF(MLY)ELSTRVSSML
EAI(MLY)L(MLY)(MLY)EMKHE
;
_entity_poly.pdbx_strand_id   A
#
# COMPACT_ATOMS: atom_id res chain seq x y z
N ASN A 14 -17.79 -0.19 15.20
CA ASN A 14 -16.92 -1.32 14.85
C ASN A 14 -17.70 -2.63 14.77
N GLU A 15 -18.22 -3.06 15.92
CA GLU A 15 -18.87 -4.37 16.00
C GLU A 15 -20.40 -4.31 15.95
N ILE A 16 -20.93 -3.36 15.19
CA ILE A 16 -22.36 -3.37 14.88
C ILE A 16 -22.52 -4.12 13.57
N SER A 17 -21.38 -4.51 13.00
CA SER A 17 -21.33 -5.14 11.69
C SER A 17 -20.76 -6.55 11.77
N SER A 18 -21.24 -7.42 10.87
CA SER A 18 -20.72 -8.78 10.74
C SER A 18 -19.50 -8.78 9.84
N ASP A 19 -19.11 -9.95 9.36
CA ASP A 19 -18.01 -10.06 8.40
C ASP A 19 -18.45 -9.52 7.03
N THR A 20 -19.47 -8.67 7.04
CA THR A 20 -19.89 -7.94 5.86
C THR A 20 -18.70 -7.14 5.35
N LEU A 21 -17.77 -6.87 6.27
CA LEU A 21 -16.50 -6.23 5.95
C LEU A 21 -15.85 -6.93 4.77
N GLU A 22 -16.02 -8.25 4.72
CA GLU A 22 -15.46 -9.06 3.65
C GLU A 22 -16.19 -8.81 2.34
N GLN A 23 -17.52 -8.68 2.41
CA GLN A 23 -18.32 -8.38 1.23
C GLN A 23 -17.95 -7.01 0.68
N LEU A 24 -17.83 -6.03 1.57
CA LEU A 24 -17.45 -4.68 1.18
C LEU A 24 -16.02 -4.66 0.64
N TYR A 25 -15.14 -5.40 1.32
CA TYR A 25 -13.74 -5.50 0.91
C TYR A 25 -13.62 -6.12 -0.48
N SER A 26 -14.42 -7.15 -0.73
CA SER A 26 -14.43 -7.82 -2.02
C SER A 26 -14.95 -6.88 -3.10
N LEU A 27 -15.91 -6.04 -2.73
CA LEU A 27 -16.48 -5.06 -3.65
C LEU A 27 -15.46 -3.99 -4.01
N ALA A 28 -14.85 -3.41 -2.97
CA ALA A 28 -13.85 -2.36 -3.17
C ALA A 28 -12.65 -2.91 -3.95
N PHE A 29 -12.31 -4.16 -3.71
CA PHE A 29 -11.23 -4.83 -4.43
C PHE A 29 -11.55 -4.91 -5.91
N ASN A 30 -12.75 -5.39 -6.23
CA ASN A 30 -13.20 -5.52 -7.61
C ASN A 30 -13.25 -4.17 -8.34
N GLN A 31 -13.71 -3.15 -7.63
CA GLN A 31 -13.78 -1.80 -8.20
C GLN A 31 -12.39 -1.29 -8.57
N TYR A 32 -11.41 -1.58 -7.72
CA TYR A 32 -10.04 -1.18 -7.97
C TYR A 32 -9.49 -1.88 -9.21
N GLN A 33 -9.85 -3.15 -9.36
CA GLN A 33 -9.46 -3.92 -10.53
C GLN A 33 -10.14 -3.38 -11.78
N SER A 34 -11.35 -2.86 -11.61
CA SER A 34 -12.14 -2.38 -12.74
C SER A 34 -11.81 -0.94 -13.11
N GLY A 35 -10.89 -0.33 -12.37
CA GLY A 35 -10.46 1.02 -12.65
C GLY A 35 -11.34 2.10 -12.07
N TYR A 37 -11.49 3.80 -9.29
CA TYR A 37 -10.67 4.08 -8.11
C TYR A 37 -11.36 5.00 -7.11
N GLU A 38 -12.19 5.90 -7.61
CA GLU A 38 -12.88 6.86 -6.76
C GLU A 38 -13.97 6.20 -5.93
N ASP A 39 -14.58 5.16 -6.50
CA ASP A 39 -15.61 4.39 -5.82
C ASP A 39 -14.96 3.44 -4.82
N ALA A 40 -13.95 2.71 -5.28
CA ALA A 40 -13.20 1.80 -4.42
C ALA A 40 -12.65 2.57 -3.22
N HIS A 41 -12.19 3.79 -3.48
CA HIS A 41 -11.66 4.65 -2.43
C HIS A 41 -12.71 4.93 -1.37
N VAL A 43 -15.31 3.15 -0.57
CA VAL A 43 -15.62 1.94 0.17
C VAL A 43 -14.50 1.57 1.15
N PHE A 44 -13.26 1.62 0.67
CA PHE A 44 -12.09 1.32 1.49
C PHE A 44 -12.00 2.27 2.69
N GLN A 45 -12.27 3.54 2.43
CA GLN A 45 -12.24 4.56 3.47
C GLN A 45 -13.28 4.27 4.54
N ALA A 46 -14.43 3.75 4.10
CA ALA A 46 -15.50 3.40 5.02
C ALA A 46 -15.11 2.17 5.84
N LEU A 47 -14.39 1.25 5.22
CA LEU A 47 -13.91 0.05 5.89
C LEU A 47 -12.89 0.44 6.96
N CYS A 48 -12.06 1.43 6.65
CA CYS A 48 -11.06 1.92 7.60
C CYS A 48 -11.72 2.46 8.86
N VAL A 49 -13.01 2.73 8.78
CA VAL A 49 -13.77 3.21 9.93
C VAL A 49 -14.35 2.02 10.71
N LEU A 50 -14.88 1.05 9.99
CA LEU A 50 -15.49 -0.12 10.61
C LEU A 50 -14.46 -0.93 11.38
N ASP A 51 -13.23 -0.94 10.88
CA ASP A 51 -12.15 -1.68 11.52
C ASP A 51 -10.82 -1.01 11.20
N HIS A 52 -10.45 0.00 11.99
CA HIS A 52 -9.26 0.79 11.72
C HIS A 52 -7.98 0.09 12.19
N TYR A 53 -8.08 -1.19 12.52
CA TYR A 53 -6.91 -1.98 12.88
C TYR A 53 -6.60 -2.97 11.77
N ASP A 54 -7.39 -2.94 10.70
CA ASP A 54 -7.23 -3.85 9.57
C ASP A 54 -6.39 -3.21 8.47
N SER A 55 -5.16 -3.68 8.32
CA SER A 55 -4.21 -3.08 7.39
C SER A 55 -4.58 -3.33 5.93
N ARG A 56 -5.45 -4.31 5.69
CA ARG A 56 -5.93 -4.59 4.34
C ARG A 56 -6.64 -3.37 3.77
N PHE A 57 -7.39 -2.67 4.61
CA PHE A 57 -8.17 -1.52 4.17
C PHE A 57 -7.27 -0.33 3.89
N PHE A 58 -6.21 -0.19 4.67
CA PHE A 58 -5.26 0.91 4.50
C PHE A 58 -4.38 0.68 3.29
N LEU A 59 -4.11 -0.60 3.02
CA LEU A 59 -3.34 -0.98 1.85
C LEU A 59 -4.16 -0.71 0.59
N GLY A 60 -5.45 -1.02 0.66
CA GLY A 60 -6.35 -0.80 -0.45
C GLY A 60 -6.61 0.67 -0.71
N LEU A 61 -6.93 1.40 0.35
CA LEU A 61 -7.16 2.84 0.26
C LEU A 61 -5.94 3.54 -0.32
N GLY A 62 -4.76 3.19 0.18
CA GLY A 62 -3.51 3.74 -0.32
C GLY A 62 -3.31 3.46 -1.79
N ALA A 63 -3.71 2.28 -2.23
CA ALA A 63 -3.57 1.89 -3.63
C ALA A 63 -4.47 2.72 -4.53
N CYS A 64 -5.68 3.00 -4.06
CA CYS A 64 -6.64 3.81 -4.80
C CYS A 64 -6.09 5.23 -5.01
N ARG A 65 -5.55 5.81 -3.94
CA ARG A 65 -5.00 7.15 -4.01
C ARG A 65 -3.76 7.19 -4.92
N GLN A 66 -2.95 6.15 -4.83
CA GLN A 66 -1.79 6.02 -5.71
C GLN A 66 -2.23 5.91 -7.17
N ALA A 67 -3.30 5.16 -7.39
CA ALA A 67 -3.84 4.94 -8.73
C ALA A 67 -4.35 6.24 -9.35
N MET A 68 -4.80 7.18 -8.51
CA MET A 68 -5.29 8.47 -8.98
C MET A 68 -4.18 9.53 -8.94
N GLY A 69 -2.96 9.08 -8.67
CA GLY A 69 -1.82 9.98 -8.63
C GLY A 69 -1.83 10.93 -7.45
N GLN A 70 -2.61 10.59 -6.43
CA GLN A 70 -2.62 11.33 -5.18
C GLN A 70 -1.56 10.76 -4.25
N TYR A 71 -0.31 11.11 -4.51
CA TYR A 71 0.84 10.42 -3.89
C TYR A 71 1.05 10.70 -2.40
N ASP A 72 0.87 11.95 -2.00
CA ASP A 72 1.00 12.31 -0.59
C ASP A 72 -0.04 11.56 0.25
N LEU A 73 -1.27 11.51 -0.25
CA LEU A 73 -2.35 10.83 0.44
C LEU A 73 -2.11 9.32 0.47
N ALA A 74 -1.52 8.79 -0.61
CA ALA A 74 -1.19 7.38 -0.67
C ALA A 74 -0.17 7.01 0.40
N ILE A 75 0.87 7.84 0.51
CA ILE A 75 1.92 7.62 1.49
C ILE A 75 1.40 7.73 2.93
N HIS A 76 0.43 8.62 3.13
CA HIS A 76 -0.20 8.78 4.43
C HIS A 76 -0.96 7.51 4.83
N SER A 77 -1.66 6.91 3.87
CA SER A 77 -2.41 5.68 4.14
C SER A 77 -1.47 4.49 4.36
N TYR A 78 -0.39 4.45 3.60
CA TYR A 78 0.60 3.39 3.73
C TYR A 78 1.31 3.46 5.08
N GLU A 79 1.44 4.67 5.62
CA GLU A 79 2.06 4.85 6.92
C GLU A 79 1.12 4.41 8.05
N GLU A 80 -0.16 4.78 7.93
CA GLU A 80 -1.15 4.36 8.90
C GLU A 80 -1.27 2.85 8.97
N GLY A 81 -1.24 2.21 7.80
CA GLY A 81 -1.38 0.76 7.74
C GLY A 81 -0.16 0.02 8.26
N ALA A 82 1.02 0.64 8.10
CA ALA A 82 2.26 0.06 8.57
C ALA A 82 2.23 -0.08 10.10
N VAL A 83 1.64 0.92 10.76
CA VAL A 83 1.46 0.90 12.21
C VAL A 83 0.69 -0.35 12.61
N MET A 84 -0.28 -0.73 11.78
CA MET A 84 -1.16 -1.86 12.07
C MET A 84 -0.54 -3.19 11.64
N ASP A 85 0.55 -3.12 10.89
CA ASP A 85 1.24 -4.32 10.44
C ASP A 85 2.67 -3.98 10.04
N ILE A 86 3.56 -3.98 11.02
CA ILE A 86 4.94 -3.55 10.83
C ILE A 86 5.78 -4.60 10.13
N GLU A 88 4.64 -6.06 7.28
CA GLU A 88 4.16 -6.10 5.90
C GLU A 88 5.05 -5.30 4.94
N PRO A 89 5.66 -5.98 3.96
CA PRO A 89 6.58 -5.36 3.01
C PRO A 89 5.90 -4.37 2.07
N ARG A 90 4.63 -4.61 1.75
CA ARG A 90 3.94 -3.82 0.73
C ARG A 90 3.74 -2.35 1.09
N PHE A 91 3.74 -2.04 2.39
CA PHE A 91 3.59 -0.67 2.85
C PHE A 91 4.80 0.21 2.50
N PRO A 92 6.00 -0.21 2.93
CA PRO A 92 7.22 0.51 2.54
C PRO A 92 7.44 0.45 1.04
N PHE A 93 6.96 -0.61 0.39
CA PHE A 93 7.16 -0.78 -1.04
C PHE A 93 6.39 0.23 -1.87
N HIS A 94 5.07 0.26 -1.70
CA HIS A 94 4.22 1.18 -2.44
C HIS A 94 4.52 2.64 -2.08
N ALA A 95 4.89 2.87 -0.82
CA ALA A 95 5.26 4.22 -0.40
C ALA A 95 6.52 4.66 -1.14
N ALA A 96 7.42 3.71 -1.37
CA ALA A 96 8.63 3.98 -2.13
C ALA A 96 8.29 4.32 -3.59
N GLU A 97 7.29 3.64 -4.15
CA GLU A 97 6.82 3.94 -5.50
C GLU A 97 6.30 5.37 -5.61
N CYS A 98 5.56 5.81 -4.60
CA CYS A 98 5.01 7.16 -4.58
C CYS A 98 6.12 8.18 -4.43
N LEU A 99 7.09 7.87 -3.58
CA LEU A 99 8.22 8.77 -3.34
C LEU A 99 9.04 8.96 -4.60
N LEU A 100 9.13 7.92 -5.42
CA LEU A 100 9.81 8.02 -6.71
C LEU A 100 9.06 8.98 -7.65
N GLN A 101 7.74 8.96 -7.59
CA GLN A 101 6.92 9.86 -8.40
C GLN A 101 6.99 11.31 -7.90
N GLY A 103 9.81 12.38 -6.95
CA GLY A 103 11.20 12.68 -7.25
C GLY A 103 12.10 12.67 -6.03
N GLU A 104 11.72 11.92 -5.00
CA GLU A 104 12.50 11.81 -3.78
C GLU A 104 13.14 10.43 -3.67
N LEU A 105 14.23 10.23 -4.41
CA LEU A 105 14.85 8.92 -4.54
C LEU A 105 15.50 8.40 -3.25
N ALA A 106 16.06 9.30 -2.45
CA ALA A 106 16.70 8.88 -1.20
C ALA A 106 15.68 8.29 -0.23
N GLU A 107 14.57 8.99 -0.05
CA GLU A 107 13.48 8.49 0.77
C GLU A 107 12.94 7.17 0.23
N ALA A 108 12.86 7.07 -1.09
CA ALA A 108 12.35 5.86 -1.75
C ALA A 108 13.29 4.68 -1.52
N GLU A 109 14.59 4.93 -1.61
CA GLU A 109 15.58 3.88 -1.44
C GLU A 109 15.54 3.28 -0.04
N SER A 110 15.36 4.12 0.98
CA SER A 110 15.28 3.65 2.35
C SER A 110 14.06 2.75 2.54
N GLY A 111 12.93 3.16 1.97
CA GLY A 111 11.72 2.36 2.02
C GLY A 111 11.94 1.02 1.34
N LEU A 112 12.62 1.05 0.20
CA LEU A 112 12.90 -0.17 -0.55
C LEU A 112 13.84 -1.09 0.22
N PHE A 113 14.79 -0.50 0.93
CA PHE A 113 15.69 -1.28 1.79
C PHE A 113 14.90 -1.97 2.88
N LEU A 114 13.92 -1.26 3.43
CA LEU A 114 13.08 -1.79 4.50
C LEU A 114 12.21 -2.94 4.01
N ALA A 115 11.51 -2.71 2.90
CA ALA A 115 10.67 -3.75 2.28
C ALA A 115 11.52 -4.98 2.01
N GLN A 116 12.70 -4.74 1.47
CA GLN A 116 13.65 -5.80 1.18
C GLN A 116 14.00 -6.59 2.44
N GLU A 117 14.16 -5.89 3.56
CA GLU A 117 14.46 -6.54 4.82
C GLU A 117 13.23 -7.25 5.40
N LEU A 118 12.06 -6.69 5.14
CA LEU A 118 10.80 -7.28 5.58
C LEU A 118 10.47 -8.53 4.78
N ILE A 119 10.90 -8.57 3.52
CA ILE A 119 10.66 -9.73 2.67
C ILE A 119 11.55 -10.90 3.08
N ALA A 120 12.84 -10.60 3.29
CA ALA A 120 13.78 -11.59 3.81
C ALA A 120 13.86 -12.87 2.99
N ASN A 121 13.89 -12.73 1.67
CA ASN A 121 14.05 -13.87 0.78
C ASN A 121 12.93 -14.91 0.87
N PRO A 123 9.98 -16.78 -0.47
CA PRO A 123 9.55 -17.14 -1.83
C PRO A 123 8.21 -16.52 -2.22
N GLU A 124 7.32 -16.34 -1.25
CA GLU A 124 5.99 -15.80 -1.51
C GLU A 124 6.04 -14.37 -2.05
N PHE A 125 7.17 -13.70 -1.85
CA PHE A 125 7.35 -12.33 -2.32
C PHE A 125 8.41 -12.24 -3.42
N GLU A 127 8.32 -12.22 -6.58
CA GLU A 127 8.06 -11.24 -7.63
C GLU A 127 8.21 -9.82 -7.12
N LEU A 128 7.76 -9.59 -5.89
CA LEU A 128 7.89 -8.28 -5.26
C LEU A 128 9.36 -7.93 -5.06
N SER A 129 10.16 -8.95 -4.78
CA SER A 129 11.58 -8.78 -4.52
C SER A 129 12.30 -8.34 -5.78
N THR A 130 12.01 -9.00 -6.90
CA THR A 130 12.62 -8.66 -8.17
C THR A 130 12.34 -7.20 -8.51
N ARG A 131 11.14 -6.76 -8.20
CA ARG A 131 10.75 -5.37 -8.45
C ARG A 131 11.52 -4.42 -7.54
N VAL A 132 11.77 -4.86 -6.30
CA VAL A 132 12.54 -4.06 -5.35
C VAL A 132 14.01 -3.97 -5.77
N SER A 133 14.57 -5.11 -6.16
CA SER A 133 15.95 -5.16 -6.64
C SER A 133 16.12 -4.29 -7.87
N SER A 134 15.08 -4.24 -8.69
CA SER A 134 15.13 -3.50 -9.94
C SER A 134 15.02 -2.00 -9.68
N MET A 135 14.10 -1.61 -8.80
CA MET A 135 13.96 -0.19 -8.46
C MET A 135 15.20 0.33 -7.75
N LEU A 136 15.81 -0.51 -6.90
CA LEU A 136 17.07 -0.14 -6.27
C LEU A 136 18.17 0.05 -7.32
N GLU A 137 18.19 -0.83 -8.32
CA GLU A 137 19.23 -0.76 -9.35
C GLU A 137 19.07 0.49 -10.21
N ALA A 138 17.84 0.94 -10.38
CA ALA A 138 17.57 2.18 -11.10
C ALA A 138 18.14 3.35 -10.32
N ILE A 139 17.76 3.44 -9.05
CA ILE A 139 18.26 4.46 -8.14
C ILE A 139 19.79 4.39 -8.05
N LEU A 141 22.00 3.16 -10.18
CA LEU A 141 22.72 3.53 -11.38
C LEU A 141 22.80 5.06 -11.54
N GLU A 144 25.02 6.64 -8.75
CA GLU A 144 26.46 6.36 -8.74
C GLU A 144 27.19 6.91 -9.97
N MET A 145 27.49 8.20 -9.91
CA MET A 145 28.26 8.86 -10.95
C MET A 145 29.22 9.86 -10.34
#